data_3N9L
#
_entry.id   3N9L
#
_cell.length_a   68.912
_cell.length_b   87.264
_cell.length_c   102.491
_cell.angle_alpha   90.00
_cell.angle_beta   90.00
_cell.angle_gamma   90.00
#
_symmetry.space_group_name_H-M   'P 21 21 21'
#
loop_
_entity.id
_entity.type
_entity.pdbx_description
1 polymer 'Putative uncharacterized protein'
2 polymer 'Histone H3 peptide'
3 non-polymer 'FE (II) ION'
4 non-polymer 'ZINC ION'
5 non-polymer N-OXALYLGLYCINE
6 water water
#
loop_
_entity_poly.entity_id
_entity_poly.type
_entity_poly.pdbx_seq_one_letter_code
_entity_poly.pdbx_strand_id
1 'polypeptide(L)'
;EFHMEQKTPKESDRCGGCGKFTHEDDLIALEEEKKKEKEKPLMSKKKSHHHKKNDFQWIGCDSCQTWYHFLCSGLEQFEY
YLYEKFFCPKCVPHTGHSIRYKVVAPHRYRWYSPNEKHLGIEVGSKTWIEDFITRENTVPSPTDDEVCIVEDGYEFRREF
EKLGGADNWGKVFMVKDMDGLNMTMPKPGFDLEDVVKIMGSDYEVDTIDVYNQSTYSMKLDTFRKLFRDTKNRPLLYNFL
SLEFSDNNEMKEIAKPPRFVQEISMVNRLWPDVSGAEYIKLLQREEYLPEDQRPKVEQFCLAGMAGSYTDFHVDFGGSSV
YYHILKGEKIFYIAAPTEQNFAAYQAHETSPDTTTWFGDIANGAVKRVVIKEGQTLLIPAGWIHAVLTPVDSLVFGGNFL
HLGNLEMQMRVYHLENAIRKEIRSEEKFYFPNFELLHWMYMRNVLLEKITEANQEGSDMREQEKNIWTASQIMKAEMERW
MDRELRLGPEKNAILPTDDKNKIMISVRKQIEIQTKIQNAKNKPMGLK
;
A
2 'polypeptide(L)' ART(M3L)QTARKSTGGKA B
#
loop_
_chem_comp.id
_chem_comp.type
_chem_comp.name
_chem_comp.formula
FE2 non-polymer 'FE (II) ION' 'Fe 2'
OGA non-polymer N-OXALYLGLYCINE 'C4 H5 N O5'
ZN non-polymer 'ZINC ION' 'Zn 2'
#
# COMPACT_ATOMS: atom_id res chain seq x y z
N PRO A 9 19.02 -27.24 -30.93
CA PRO A 9 18.86 -27.73 -29.56
C PRO A 9 18.10 -29.05 -29.51
N LYS A 10 17.26 -29.22 -28.49
CA LYS A 10 16.62 -30.51 -28.24
C LYS A 10 15.09 -30.36 -28.08
N GLU A 11 14.35 -31.15 -28.84
CA GLU A 11 12.89 -31.04 -28.90
C GLU A 11 12.20 -31.13 -27.54
N SER A 12 12.58 -32.11 -26.75
CA SER A 12 11.96 -32.31 -25.44
C SER A 12 11.95 -31.01 -24.65
N ASP A 13 13.04 -30.26 -24.74
CA ASP A 13 13.18 -28.99 -24.03
C ASP A 13 12.46 -27.85 -24.74
N ARG A 14 11.34 -28.15 -25.39
CA ARG A 14 10.57 -27.12 -26.08
C ARG A 14 9.15 -27.03 -25.57
N CYS A 15 8.82 -25.92 -24.92
CA CYS A 15 7.43 -25.60 -24.63
C CYS A 15 6.72 -25.56 -25.97
N GLY A 16 5.44 -25.93 -26.00
CA GLY A 16 4.70 -26.28 -24.81
C GLY A 16 3.22 -26.38 -25.11
N GLY A 17 2.60 -25.30 -25.58
CA GLY A 17 3.24 -24.04 -25.91
C GLY A 17 2.24 -23.18 -26.67
N CYS A 18 2.64 -22.03 -27.23
CA CYS A 18 4.00 -21.47 -27.22
C CYS A 18 5.08 -22.14 -28.07
N GLY A 19 4.97 -23.44 -28.26
CA GLY A 19 5.85 -24.20 -29.13
C GLY A 19 7.16 -23.52 -29.48
N LYS A 20 7.84 -22.99 -28.47
CA LYS A 20 9.12 -22.30 -28.67
C LYS A 20 10.14 -22.64 -27.58
N PHE A 21 11.42 -22.44 -27.88
CA PHE A 21 12.48 -22.74 -26.92
C PHE A 21 12.69 -21.61 -25.92
N THR A 22 12.31 -20.40 -26.32
CA THR A 22 12.44 -19.23 -25.47
C THR A 22 11.21 -18.35 -25.58
N HIS A 23 10.58 -18.09 -24.43
CA HIS A 23 9.42 -17.21 -24.37
C HIS A 23 9.80 -15.84 -24.92
N GLU A 24 8.81 -15.11 -25.43
CA GLU A 24 9.04 -13.77 -25.95
C GLU A 24 9.78 -12.90 -24.92
N ASP A 25 9.72 -13.31 -23.65
CA ASP A 25 10.41 -12.60 -22.58
C ASP A 25 11.74 -13.26 -22.25
N LYS A 53 4.97 -11.29 -16.25
CA LYS A 53 6.39 -11.63 -16.38
C LYS A 53 6.62 -13.13 -16.23
N ASN A 54 6.98 -13.78 -17.33
CA ASN A 54 7.30 -15.21 -17.29
C ASN A 54 8.58 -15.47 -16.52
N ASP A 55 9.42 -14.45 -16.40
CA ASP A 55 10.78 -14.66 -15.94
C ASP A 55 11.37 -15.62 -16.96
N PHE A 56 12.19 -16.55 -16.50
CA PHE A 56 12.63 -17.66 -17.33
C PHE A 56 12.36 -18.94 -16.55
N GLN A 57 11.09 -19.33 -16.47
CA GLN A 57 10.72 -20.47 -15.65
C GLN A 57 9.76 -21.42 -16.36
N TRP A 58 9.99 -22.71 -16.20
CA TRP A 58 9.15 -23.72 -16.80
C TRP A 58 8.55 -24.61 -15.71
N ILE A 59 7.64 -25.49 -16.11
CA ILE A 59 7.07 -26.50 -15.21
C ILE A 59 6.82 -27.77 -16.01
N GLY A 60 7.12 -28.92 -15.40
CA GLY A 60 6.98 -30.19 -16.09
C GLY A 60 5.66 -30.89 -15.80
N CYS A 61 5.14 -31.59 -16.81
CA CYS A 61 3.89 -32.32 -16.68
C CYS A 61 4.13 -33.73 -16.17
N ASP A 62 3.56 -34.05 -15.01
CA ASP A 62 3.75 -35.35 -14.38
C ASP A 62 2.94 -36.45 -15.06
N SER A 63 2.68 -36.27 -16.35
CA SER A 63 2.01 -37.29 -17.15
C SER A 63 2.73 -37.48 -18.48
N CYS A 64 2.68 -36.45 -19.33
CA CYS A 64 3.27 -36.51 -20.66
C CYS A 64 4.75 -36.13 -20.64
N GLN A 65 5.16 -35.47 -19.56
CA GLN A 65 6.57 -35.13 -19.32
C GLN A 65 7.07 -33.95 -20.13
N THR A 66 6.18 -33.26 -20.85
CA THR A 66 6.60 -32.10 -21.64
C THR A 66 6.62 -30.82 -20.82
N TRP A 67 7.61 -29.97 -21.08
CA TRP A 67 7.79 -28.75 -20.32
C TRP A 67 6.94 -27.59 -20.84
N TYR A 68 6.56 -26.71 -19.93
CA TYR A 68 5.80 -25.52 -20.27
C TYR A 68 6.42 -24.33 -19.57
N HIS A 69 6.57 -23.22 -20.29
CA HIS A 69 6.86 -21.95 -19.65
C HIS A 69 5.70 -21.68 -18.70
N PHE A 70 5.99 -21.18 -17.50
CA PHE A 70 4.95 -20.93 -16.52
C PHE A 70 3.76 -20.19 -17.13
N LEU A 71 4.04 -19.20 -17.97
CA LEU A 71 2.99 -18.41 -18.59
C LEU A 71 2.20 -19.17 -19.66
N CYS A 72 2.58 -20.42 -19.90
CA CYS A 72 1.92 -21.24 -20.91
C CYS A 72 1.37 -22.54 -20.35
N SER A 73 1.45 -22.69 -19.03
CA SER A 73 1.01 -23.91 -18.37
C SER A 73 -0.49 -23.89 -18.11
N GLY A 74 -1.08 -22.70 -18.17
CA GLY A 74 -2.48 -22.53 -17.84
C GLY A 74 -2.66 -22.11 -16.39
N LEU A 75 -1.56 -22.12 -15.64
CA LEU A 75 -1.61 -21.72 -14.24
C LEU A 75 -1.45 -20.22 -14.09
N GLU A 76 -2.07 -19.67 -13.05
CA GLU A 76 -1.80 -18.30 -12.64
C GLU A 76 -0.77 -18.35 -11.54
N GLN A 77 -0.14 -17.22 -11.26
CA GLN A 77 0.99 -17.19 -10.32
C GLN A 77 0.66 -17.83 -8.97
N PHE A 78 -0.57 -17.68 -8.51
CA PHE A 78 -0.94 -18.16 -7.19
C PHE A 78 -0.95 -19.69 -7.06
N GLU A 79 -0.89 -20.39 -8.19
CA GLU A 79 -0.92 -21.85 -8.20
C GLU A 79 0.47 -22.49 -8.27
N TYR A 80 1.48 -21.69 -8.53
CA TYR A 80 2.83 -22.22 -8.80
C TYR A 80 3.37 -23.17 -7.74
N TYR A 81 2.87 -23.08 -6.51
CA TYR A 81 3.41 -23.89 -5.41
C TYR A 81 2.39 -24.86 -4.81
N LEU A 82 1.21 -24.93 -5.40
CA LEU A 82 0.09 -25.68 -4.82
C LEU A 82 0.11 -27.17 -5.14
N TYR A 83 0.65 -27.54 -6.30
CA TYR A 83 0.47 -28.89 -6.81
C TYR A 83 1.66 -29.85 -6.62
N GLU A 84 1.37 -30.99 -6.00
CA GLU A 84 2.35 -32.04 -5.82
C GLU A 84 2.57 -32.73 -7.16
N LYS A 85 1.47 -32.92 -7.89
CA LYS A 85 1.52 -33.47 -9.25
C LYS A 85 0.78 -32.55 -10.22
N PHE A 86 1.52 -31.97 -11.16
CA PHE A 86 0.92 -31.09 -12.15
C PHE A 86 0.60 -31.83 -13.44
N PHE A 87 -0.65 -31.70 -13.89
CA PHE A 87 -1.09 -32.31 -15.14
C PHE A 87 -1.45 -31.23 -16.14
N CYS A 88 -0.69 -31.16 -17.23
CA CYS A 88 -0.89 -30.12 -18.22
C CYS A 88 -2.25 -30.26 -18.88
N PRO A 89 -2.79 -29.14 -19.42
CA PRO A 89 -4.09 -29.11 -20.08
C PRO A 89 -4.28 -30.25 -21.09
N LYS A 90 -3.23 -30.59 -21.82
CA LYS A 90 -3.28 -31.67 -22.80
C LYS A 90 -3.67 -33.00 -22.15
N CYS A 91 -3.45 -33.12 -20.84
CA CYS A 91 -3.62 -34.40 -20.17
C CYS A 91 -4.73 -34.47 -19.13
N VAL A 92 -5.37 -33.35 -18.83
CA VAL A 92 -6.30 -33.30 -17.71
C VAL A 92 -7.61 -34.12 -17.85
N PRO A 93 -8.24 -34.08 -19.03
CA PRO A 93 -9.51 -34.82 -19.17
C PRO A 93 -9.33 -36.34 -19.06
N HIS A 94 -8.10 -36.83 -19.20
CA HIS A 94 -7.84 -38.26 -19.12
C HIS A 94 -6.90 -38.63 -17.97
N THR A 95 -6.55 -37.64 -17.16
CA THR A 95 -5.65 -37.86 -16.04
C THR A 95 -6.21 -37.26 -14.76
N GLY A 96 -7.28 -36.48 -14.90
CA GLY A 96 -7.88 -35.80 -13.77
C GLY A 96 -7.17 -34.50 -13.45
N HIS A 97 -7.76 -33.72 -12.55
CA HIS A 97 -7.16 -32.46 -12.13
C HIS A 97 -5.79 -32.67 -11.48
N SER A 98 -5.09 -31.57 -11.22
CA SER A 98 -3.80 -31.64 -10.56
C SER A 98 -3.99 -31.91 -9.07
N ILE A 99 -3.09 -32.70 -8.49
CA ILE A 99 -3.17 -33.05 -7.07
C ILE A 99 -2.36 -32.08 -6.23
N ARG A 100 -3.01 -31.44 -5.27
CA ARG A 100 -2.34 -30.45 -4.41
C ARG A 100 -1.81 -31.06 -3.12
N TYR A 101 -0.67 -30.56 -2.67
CA TYR A 101 -0.02 -31.03 -1.45
C TYR A 101 -1.02 -31.22 -0.30
N LYS A 102 -0.81 -32.28 0.47
CA LYS A 102 -1.61 -32.48 1.67
C LYS A 102 -1.23 -31.40 2.68
N VAL A 103 -2.23 -30.85 3.36
CA VAL A 103 -1.98 -29.86 4.39
C VAL A 103 -1.39 -30.53 5.62
N VAL A 104 -0.07 -30.47 5.71
CA VAL A 104 0.69 -31.19 6.72
C VAL A 104 1.04 -30.33 7.94
N ALA A 105 1.26 -29.04 7.71
CA ALA A 105 1.63 -28.12 8.79
C ALA A 105 0.85 -26.82 8.71
N PRO A 106 -0.44 -26.85 9.06
CA PRO A 106 -1.33 -25.69 8.95
C PRO A 106 -0.91 -24.52 9.84
N HIS A 107 0.11 -24.74 10.67
CA HIS A 107 0.63 -23.68 11.53
C HIS A 107 1.90 -23.07 10.94
N ARG A 108 2.17 -23.38 9.67
CA ARG A 108 3.35 -22.88 8.99
C ARG A 108 2.97 -22.26 7.66
N TYR A 109 3.81 -21.35 7.17
CA TYR A 109 3.61 -20.77 5.85
C TYR A 109 3.81 -21.87 4.82
N ARG A 110 4.85 -22.67 5.02
CA ARG A 110 5.04 -23.86 4.22
C ARG A 110 4.19 -24.98 4.81
N TRP A 111 2.88 -24.78 4.79
CA TRP A 111 1.92 -25.71 5.36
C TRP A 111 1.97 -27.08 4.68
N TYR A 112 2.74 -27.16 3.61
CA TYR A 112 2.82 -28.36 2.79
C TYR A 112 4.09 -29.16 3.09
N SER A 113 5.11 -28.49 3.64
CA SER A 113 6.39 -29.12 3.92
C SER A 113 6.36 -29.91 5.23
N PRO A 114 6.43 -31.25 5.13
CA PRO A 114 6.39 -32.14 6.30
C PRO A 114 7.55 -31.85 7.25
N ASN A 115 8.59 -31.20 6.74
CA ASN A 115 9.77 -30.89 7.54
C ASN A 115 9.53 -29.83 8.61
N GLU A 116 8.44 -29.07 8.48
CA GLU A 116 8.17 -27.97 9.40
C GLU A 116 7.08 -28.32 10.42
N LYS A 117 6.66 -29.57 10.43
CA LYS A 117 5.68 -30.06 11.38
C LYS A 117 6.02 -29.70 12.82
N HIS A 118 7.28 -29.92 13.19
CA HIS A 118 7.72 -29.73 14.58
C HIS A 118 8.05 -28.28 14.91
N LEU A 119 8.17 -27.44 13.89
CA LEU A 119 8.50 -26.04 14.09
C LEU A 119 7.33 -25.27 14.70
N GLY A 120 7.57 -24.03 15.12
CA GLY A 120 6.58 -23.27 15.86
C GLY A 120 5.43 -22.71 15.04
N ILE A 121 4.43 -22.18 15.74
CA ILE A 121 3.27 -21.59 15.08
C ILE A 121 3.59 -20.20 14.56
N GLU A 122 3.34 -19.98 13.28
CA GLU A 122 3.67 -18.71 12.64
C GLU A 122 2.45 -17.79 12.50
N VAL A 123 2.65 -16.51 12.80
CA VAL A 123 1.65 -15.47 12.56
C VAL A 123 1.71 -15.08 11.08
N GLY A 124 0.62 -15.25 10.33
CA GLY A 124 -0.61 -15.83 10.81
C GLY A 124 -0.99 -16.97 9.90
N SER A 125 -0.52 -18.17 10.25
CA SER A 125 -0.91 -19.39 9.58
C SER A 125 -2.37 -19.67 9.89
N LYS A 126 -2.94 -20.67 9.24
CA LYS A 126 -4.32 -21.06 9.50
C LYS A 126 -4.50 -21.34 10.99
N THR A 127 -3.56 -22.08 11.55
CA THR A 127 -3.61 -22.44 12.96
C THR A 127 -3.59 -21.19 13.82
N TRP A 128 -2.70 -20.26 13.48
CA TRP A 128 -2.54 -19.04 14.26
C TRP A 128 -3.79 -18.16 14.24
N ILE A 129 -4.36 -17.97 13.05
CA ILE A 129 -5.51 -17.09 12.89
C ILE A 129 -6.72 -17.63 13.65
N GLU A 130 -6.99 -18.92 13.47
CA GLU A 130 -8.07 -19.58 14.20
C GLU A 130 -7.99 -19.25 15.67
N ASP A 131 -6.91 -19.70 16.30
CA ASP A 131 -6.67 -19.41 17.71
C ASP A 131 -6.85 -17.92 17.98
N PHE A 132 -6.14 -17.08 17.22
CA PHE A 132 -6.18 -15.64 17.44
C PHE A 132 -7.60 -15.08 17.55
N ILE A 133 -8.49 -15.59 16.71
CA ILE A 133 -9.88 -15.11 16.69
C ILE A 133 -10.58 -15.30 18.04
N THR A 134 -10.26 -16.40 18.71
CA THR A 134 -10.91 -16.77 19.96
C THR A 134 -10.58 -15.83 21.12
N ARG A 135 -9.33 -15.34 21.14
CA ARG A 135 -8.90 -14.41 22.18
C ARG A 135 -8.81 -13.00 21.62
N GLU A 136 -9.11 -12.89 20.33
CA GLU A 136 -8.94 -11.65 19.59
C GLU A 136 -9.53 -10.42 20.27
N ASN A 137 -10.63 -10.60 20.99
CA ASN A 137 -11.36 -9.47 21.56
C ASN A 137 -10.90 -9.08 22.96
N THR A 138 -9.82 -9.68 23.43
CA THR A 138 -9.28 -9.36 24.75
C THR A 138 -8.35 -8.14 24.69
N VAL A 139 -7.91 -7.78 23.49
CA VAL A 139 -7.04 -6.63 23.33
C VAL A 139 -7.79 -5.33 23.59
N PRO A 140 -7.18 -4.43 24.38
CA PRO A 140 -7.72 -3.17 24.88
C PRO A 140 -8.30 -2.26 23.79
N SER A 141 -9.30 -1.48 24.16
CA SER A 141 -9.81 -0.41 23.31
C SER A 141 -8.89 0.81 23.44
N PRO A 142 -9.05 1.79 22.53
CA PRO A 142 -8.22 2.99 22.50
C PRO A 142 -8.61 4.03 23.55
N THR A 143 -7.66 4.92 23.86
CA THR A 143 -7.96 6.09 24.65
C THR A 143 -8.56 7.14 23.73
N ASP A 144 -9.30 8.08 24.30
CA ASP A 144 -9.87 9.17 23.51
C ASP A 144 -8.76 9.97 22.83
N ASP A 145 -7.56 9.92 23.38
CA ASP A 145 -6.41 10.60 22.80
C ASP A 145 -5.94 9.91 21.53
N GLU A 146 -6.21 8.60 21.45
CA GLU A 146 -5.75 7.80 20.32
C GLU A 146 -6.73 7.83 19.14
N VAL A 147 -7.91 7.25 19.32
CA VAL A 147 -8.93 7.35 18.28
C VAL A 147 -10.11 8.16 18.75
N CYS A 148 -10.70 8.89 17.81
CA CYS A 148 -11.87 9.70 18.09
C CYS A 148 -13.02 9.22 17.22
N ILE A 149 -14.10 8.81 17.86
CA ILE A 149 -15.27 8.31 17.14
C ILE A 149 -16.31 9.40 16.96
N VAL A 150 -16.77 9.59 15.73
CA VAL A 150 -17.77 10.60 15.42
C VAL A 150 -18.90 9.99 14.59
N GLU A 151 -20.11 10.51 14.78
CA GLU A 151 -21.29 9.96 14.12
C GLU A 151 -21.29 10.19 12.60
N ASP A 152 -20.91 11.39 12.19
CA ASP A 152 -20.88 11.72 10.77
C ASP A 152 -19.76 12.69 10.40
N GLY A 153 -19.67 13.00 9.11
CA GLY A 153 -18.63 13.85 8.58
C GLY A 153 -18.71 15.28 9.08
N TYR A 154 -19.91 15.76 9.32
CA TYR A 154 -20.11 17.10 9.86
C TYR A 154 -19.49 17.21 11.24
N GLU A 155 -19.69 16.18 12.07
CA GLU A 155 -19.09 16.15 13.39
C GLU A 155 -17.59 15.97 13.28
N PHE A 156 -17.16 15.16 12.31
CA PHE A 156 -15.74 14.97 12.06
C PHE A 156 -15.08 16.30 11.75
N ARG A 157 -15.65 17.03 10.81
CA ARG A 157 -15.09 18.33 10.42
C ARG A 157 -14.87 19.21 11.64
N ARG A 158 -15.88 19.28 12.52
CA ARG A 158 -15.80 20.13 13.71
C ARG A 158 -14.71 19.69 14.69
N GLU A 159 -14.59 18.37 14.88
CA GLU A 159 -13.60 17.82 15.78
C GLU A 159 -12.20 17.88 15.18
N PHE A 160 -12.13 17.67 13.87
CA PHE A 160 -10.87 17.72 13.14
C PHE A 160 -10.30 19.14 13.22
N GLU A 161 -11.18 20.13 13.14
CA GLU A 161 -10.78 21.53 13.24
C GLU A 161 -10.35 21.90 14.66
N LYS A 162 -11.04 21.37 15.65
CA LYS A 162 -10.72 21.66 17.05
C LYS A 162 -9.29 21.24 17.37
N LEU A 163 -8.80 20.21 16.69
CA LEU A 163 -7.48 19.63 16.98
C LEU A 163 -6.37 20.25 16.14
N GLY A 164 -6.70 21.26 15.34
CA GLY A 164 -5.70 21.94 14.54
C GLY A 164 -5.78 21.62 13.05
N GLY A 165 -6.68 20.71 12.69
CA GLY A 165 -6.88 20.36 11.30
C GLY A 165 -5.86 19.37 10.78
N ALA A 166 -5.56 19.47 9.48
CA ALA A 166 -4.63 18.56 8.82
C ALA A 166 -3.17 18.84 9.17
N ASP A 167 -2.85 20.10 9.47
CA ASP A 167 -1.48 20.49 9.78
C ASP A 167 -1.05 20.03 11.16
N ASN A 168 -2.03 19.65 11.97
CA ASN A 168 -1.75 19.19 13.32
C ASN A 168 -2.39 17.82 13.55
N TRP A 169 -2.67 17.12 12.45
CA TRP A 169 -3.38 15.84 12.51
C TRP A 169 -2.52 14.72 13.05
N GLY A 170 -2.90 14.20 14.22
CA GLY A 170 -2.10 13.18 14.89
C GLY A 170 -2.88 11.98 15.41
N LYS A 171 -4.20 12.09 15.52
CA LYS A 171 -5.00 10.97 16.01
C LYS A 171 -5.91 10.38 14.95
N VAL A 172 -6.26 9.11 15.12
CA VAL A 172 -7.11 8.41 14.16
C VAL A 172 -8.60 8.67 14.41
N PHE A 173 -9.35 8.76 13.31
CA PHE A 173 -10.78 9.04 13.37
C PHE A 173 -11.61 7.92 12.79
N MET A 174 -12.70 7.59 13.46
CA MET A 174 -13.66 6.65 12.90
C MET A 174 -15.01 7.36 12.72
N VAL A 175 -15.48 7.38 11.47
CA VAL A 175 -16.74 8.04 11.14
C VAL A 175 -17.82 7.01 10.80
N LYS A 176 -18.92 7.04 11.57
CA LYS A 176 -19.98 6.04 11.43
C LYS A 176 -20.78 6.18 10.13
N ASP A 177 -21.07 7.43 9.76
CA ASP A 177 -21.91 7.71 8.61
C ASP A 177 -21.21 8.72 7.70
N MET A 178 -21.05 8.38 6.43
CA MET A 178 -20.24 9.17 5.51
C MET A 178 -20.81 10.54 5.21
N ASP A 179 -22.13 10.69 5.41
CA ASP A 179 -22.78 11.96 5.21
C ASP A 179 -21.98 13.08 5.89
N GLY A 180 -21.48 14.02 5.09
CA GLY A 180 -20.69 15.12 5.59
C GLY A 180 -19.25 15.07 5.12
N LEU A 181 -18.81 13.90 4.70
CA LEU A 181 -17.43 13.69 4.30
C LEU A 181 -17.13 14.08 2.84
N ASN A 182 -18.17 14.18 2.03
CA ASN A 182 -18.01 14.46 0.60
C ASN A 182 -17.15 13.39 -0.06
N MET A 183 -17.40 12.15 0.34
CA MET A 183 -16.65 11.01 -0.16
C MET A 183 -17.55 10.26 -1.13
N THR A 184 -17.20 10.29 -2.41
CA THR A 184 -18.01 9.62 -3.42
C THR A 184 -17.82 8.11 -3.33
N MET A 185 -18.92 7.38 -3.15
CA MET A 185 -18.88 5.93 -3.01
C MET A 185 -20.07 5.28 -3.71
N PRO A 186 -19.91 4.02 -4.11
CA PRO A 186 -21.00 3.26 -4.75
C PRO A 186 -22.18 3.10 -3.80
N LYS A 187 -23.38 3.04 -4.35
CA LYS A 187 -24.58 2.78 -3.55
C LYS A 187 -24.60 1.34 -3.07
N PRO A 188 -25.00 1.11 -1.81
CA PRO A 188 -25.07 -0.25 -1.25
C PRO A 188 -25.80 -1.21 -2.18
N GLY A 189 -25.45 -2.49 -2.13
CA GLY A 189 -25.92 -3.46 -3.09
C GLY A 189 -24.85 -3.71 -4.12
N PHE A 190 -24.03 -2.69 -4.34
CA PHE A 190 -22.83 -2.79 -5.15
C PHE A 190 -21.88 -3.77 -4.48
N ASP A 191 -21.22 -4.61 -5.26
CA ASP A 191 -20.35 -5.63 -4.70
C ASP A 191 -19.31 -6.13 -5.69
N LEU A 192 -18.62 -7.20 -5.31
CA LEU A 192 -17.55 -7.77 -6.12
C LEU A 192 -17.99 -8.02 -7.55
N GLU A 193 -19.24 -8.46 -7.72
CA GLU A 193 -19.80 -8.73 -9.04
C GLU A 193 -19.71 -7.51 -9.94
N ASP A 194 -20.00 -6.34 -9.37
CA ASP A 194 -19.93 -5.11 -10.13
C ASP A 194 -18.48 -4.70 -10.36
N VAL A 195 -17.61 -5.09 -9.44
CA VAL A 195 -16.18 -4.76 -9.55
C VAL A 195 -15.54 -5.47 -10.73
N VAL A 196 -15.79 -6.77 -10.84
CA VAL A 196 -15.20 -7.57 -11.93
C VAL A 196 -15.77 -7.20 -13.30
N LYS A 197 -17.05 -6.81 -13.32
CA LYS A 197 -17.67 -6.36 -14.57
C LYS A 197 -17.01 -5.09 -15.10
N ILE A 198 -16.78 -4.13 -14.20
CA ILE A 198 -16.18 -2.85 -14.57
C ILE A 198 -14.70 -2.97 -14.89
N MET A 199 -14.00 -3.80 -14.13
CA MET A 199 -12.55 -3.91 -14.25
C MET A 199 -12.11 -4.91 -15.33
N GLY A 200 -12.89 -5.96 -15.51
CA GLY A 200 -12.57 -7.01 -16.47
C GLY A 200 -12.22 -8.33 -15.79
N SER A 201 -12.75 -9.43 -16.33
CA SER A 201 -12.53 -10.75 -15.72
C SER A 201 -11.08 -11.22 -15.86
N ASP A 202 -10.35 -10.65 -16.80
CA ASP A 202 -8.97 -11.04 -17.04
C ASP A 202 -7.98 -10.12 -16.32
N TYR A 203 -8.50 -9.03 -15.77
CA TYR A 203 -7.68 -8.08 -15.03
C TYR A 203 -6.92 -8.80 -13.93
N GLU A 204 -5.61 -8.59 -13.88
CA GLU A 204 -4.78 -9.23 -12.88
C GLU A 204 -4.56 -8.36 -11.65
N VAL A 205 -4.94 -8.87 -10.49
CA VAL A 205 -4.72 -8.17 -9.24
C VAL A 205 -3.76 -8.93 -8.33
N ASP A 206 -2.89 -8.20 -7.64
CA ASP A 206 -2.00 -8.81 -6.66
C ASP A 206 -2.80 -9.22 -5.42
N THR A 207 -2.71 -10.50 -5.07
CA THR A 207 -3.52 -11.05 -4.00
C THR A 207 -2.67 -11.70 -2.92
N ILE A 208 -3.09 -11.58 -1.68
CA ILE A 208 -2.40 -12.23 -0.57
C ILE A 208 -2.91 -13.63 -0.36
N ASP A 209 -1.99 -14.59 -0.32
CA ASP A 209 -2.31 -15.95 0.10
C ASP A 209 -2.16 -15.95 1.62
N VAL A 210 -3.23 -15.57 2.31
CA VAL A 210 -3.16 -15.34 3.75
C VAL A 210 -2.32 -16.37 4.51
N TYR A 211 -2.66 -17.64 4.35
CA TYR A 211 -1.99 -18.71 5.12
C TYR A 211 -0.51 -18.85 4.79
N ASN A 212 -0.14 -18.52 3.55
CA ASN A 212 1.26 -18.55 3.15
C ASN A 212 1.92 -17.22 3.50
N GLN A 213 1.10 -16.23 3.80
CA GLN A 213 1.55 -14.86 4.07
C GLN A 213 2.46 -14.37 2.96
N SER A 214 2.02 -14.55 1.71
CA SER A 214 2.75 -14.08 0.56
C SER A 214 1.75 -13.50 -0.42
N THR A 215 2.24 -12.87 -1.48
CA THR A 215 1.34 -12.28 -2.47
C THR A 215 1.62 -12.84 -3.86
N TYR A 216 0.54 -13.13 -4.59
CA TYR A 216 0.62 -13.65 -5.94
C TYR A 216 -0.40 -12.94 -6.84
N SER A 217 -0.32 -13.19 -8.14
CA SER A 217 -1.28 -12.63 -9.07
C SER A 217 -2.46 -13.55 -9.26
N MET A 218 -3.63 -12.96 -9.51
CA MET A 218 -4.84 -13.73 -9.72
C MET A 218 -5.79 -12.95 -10.60
N LYS A 219 -6.36 -13.62 -11.60
CA LYS A 219 -7.38 -13.01 -12.43
C LYS A 219 -8.55 -12.65 -11.54
N LEU A 220 -9.12 -11.47 -11.74
CA LEU A 220 -10.28 -11.03 -10.97
C LEU A 220 -11.35 -12.11 -11.01
N ASP A 221 -11.54 -12.69 -12.19
CA ASP A 221 -12.51 -13.76 -12.37
C ASP A 221 -12.21 -14.94 -11.45
N THR A 222 -10.93 -15.29 -11.35
CA THR A 222 -10.49 -16.41 -10.51
C THR A 222 -10.71 -16.14 -9.03
N PHE A 223 -10.52 -14.88 -8.63
CA PHE A 223 -10.80 -14.48 -7.27
C PHE A 223 -12.29 -14.60 -6.98
N ARG A 224 -13.11 -14.12 -7.91
CA ARG A 224 -14.55 -14.18 -7.75
C ARG A 224 -15.04 -15.60 -7.51
N LYS A 225 -14.61 -16.52 -8.36
CA LYS A 225 -15.04 -17.90 -8.23
C LYS A 225 -14.78 -18.44 -6.83
N LEU A 226 -13.55 -18.22 -6.34
CA LEU A 226 -13.17 -18.66 -5.00
C LEU A 226 -13.97 -17.93 -3.92
N PHE A 227 -14.29 -16.68 -4.22
CA PHE A 227 -15.00 -15.85 -3.25
C PHE A 227 -16.47 -16.25 -3.16
N ARG A 228 -17.03 -16.70 -4.27
CA ARG A 228 -18.40 -17.20 -4.30
C ARG A 228 -18.53 -18.52 -3.54
N ASP A 229 -17.53 -19.39 -3.67
CA ASP A 229 -17.53 -20.66 -2.96
C ASP A 229 -17.25 -20.43 -1.48
N THR A 230 -18.28 -20.07 -0.74
CA THR A 230 -18.13 -19.74 0.68
C THR A 230 -17.91 -20.97 1.54
N LYS A 231 -18.33 -22.13 1.05
CA LYS A 231 -18.30 -23.35 1.86
C LYS A 231 -17.03 -24.19 1.68
N ASN A 232 -16.29 -23.92 0.61
CA ASN A 232 -15.03 -24.62 0.39
C ASN A 232 -13.89 -23.64 0.11
N ARG A 233 -12.98 -23.53 1.08
CA ARG A 233 -11.88 -22.58 1.00
C ARG A 233 -10.62 -23.14 1.64
N PRO A 234 -9.94 -24.05 0.93
CA PRO A 234 -8.69 -24.64 1.42
C PRO A 234 -7.73 -23.55 1.86
N LEU A 235 -7.56 -22.55 0.99
CA LEU A 235 -6.74 -21.39 1.28
C LEU A 235 -7.58 -20.11 1.25
N LEU A 236 -7.16 -19.12 2.03
CA LEU A 236 -7.83 -17.83 2.07
C LEU A 236 -7.14 -16.82 1.16
N TYR A 237 -7.93 -15.98 0.51
CA TYR A 237 -7.38 -14.92 -0.33
C TYR A 237 -7.99 -13.55 -0.01
N ASN A 238 -7.19 -12.51 -0.23
CA ASN A 238 -7.55 -11.16 0.17
C ASN A 238 -6.60 -10.21 -0.54
N PHE A 239 -7.11 -9.50 -1.54
CA PHE A 239 -6.27 -8.53 -2.25
C PHE A 239 -6.40 -7.12 -1.68
N LEU A 240 -5.27 -6.47 -1.45
CA LEU A 240 -5.27 -5.12 -0.92
C LEU A 240 -4.86 -4.13 -1.99
N SER A 241 -4.25 -4.62 -3.05
CA SER A 241 -3.65 -3.75 -4.05
C SER A 241 -4.41 -3.75 -5.36
N LEU A 242 -5.53 -3.03 -5.40
CA LEU A 242 -6.28 -2.86 -6.63
C LEU A 242 -6.49 -1.38 -6.90
N GLU A 243 -5.54 -0.78 -7.60
CA GLU A 243 -5.58 0.65 -7.87
C GLU A 243 -6.31 0.93 -9.18
N PHE A 244 -7.40 1.69 -9.08
CA PHE A 244 -8.27 1.89 -10.22
C PHE A 244 -8.38 3.36 -10.68
N SER A 245 -7.41 4.18 -10.30
CA SER A 245 -7.44 5.58 -10.67
C SER A 245 -7.27 5.75 -12.18
N ASP A 246 -6.93 4.66 -12.86
CA ASP A 246 -6.69 4.68 -14.30
C ASP A 246 -7.85 4.06 -15.08
N ASN A 247 -8.88 3.64 -14.37
CA ASN A 247 -10.10 3.12 -15.00
C ASN A 247 -11.16 4.20 -15.05
N ASN A 248 -11.52 4.61 -16.26
CA ASN A 248 -12.44 5.75 -16.44
C ASN A 248 -13.78 5.61 -15.74
N GLU A 249 -14.26 4.37 -15.61
CA GLU A 249 -15.54 4.14 -14.97
C GLU A 249 -15.40 4.12 -13.45
N MET A 250 -14.42 3.35 -12.97
CA MET A 250 -14.21 3.17 -11.53
C MET A 250 -13.83 4.46 -10.80
N LYS A 251 -12.89 5.21 -11.38
CA LYS A 251 -12.35 6.39 -10.72
C LYS A 251 -13.42 7.45 -10.44
N GLU A 252 -14.64 7.17 -10.88
CA GLU A 252 -15.76 8.10 -10.67
C GLU A 252 -16.75 7.57 -9.65
N ILE A 253 -16.67 6.28 -9.35
CA ILE A 253 -17.61 5.64 -8.44
C ILE A 253 -17.12 5.71 -7.01
N ALA A 254 -15.81 5.74 -6.84
CA ALA A 254 -15.20 5.75 -5.52
C ALA A 254 -14.03 6.73 -5.45
N LYS A 255 -14.28 7.88 -4.83
CA LYS A 255 -13.26 8.92 -4.71
C LYS A 255 -12.90 9.16 -3.25
N PRO A 256 -11.77 9.86 -3.01
CA PRO A 256 -11.39 10.20 -1.63
C PRO A 256 -12.28 11.29 -1.09
N PRO A 257 -12.36 11.42 0.25
CA PRO A 257 -13.10 12.56 0.80
C PRO A 257 -12.53 13.87 0.27
N ARG A 258 -13.34 14.92 0.25
CA ARG A 258 -12.89 16.20 -0.29
C ARG A 258 -11.67 16.72 0.44
N PHE A 259 -11.68 16.61 1.77
CA PHE A 259 -10.57 17.12 2.57
C PHE A 259 -9.28 16.39 2.22
N VAL A 260 -9.39 15.11 1.89
CA VAL A 260 -8.22 14.34 1.49
C VAL A 260 -7.67 14.84 0.16
N GLN A 261 -8.57 15.07 -0.79
CA GLN A 261 -8.16 15.58 -2.09
C GLN A 261 -7.47 16.92 -1.96
N GLU A 262 -7.93 17.72 -1.00
CA GLU A 262 -7.42 19.07 -0.82
C GLU A 262 -5.98 19.11 -0.30
N ILE A 263 -5.62 18.14 0.54
CA ILE A 263 -4.30 18.14 1.15
C ILE A 263 -3.34 17.14 0.50
N SER A 264 -3.88 16.28 -0.35
CA SER A 264 -3.05 15.30 -1.07
C SER A 264 -1.92 15.96 -1.85
N MET A 265 -0.70 15.50 -1.63
CA MET A 265 0.46 16.03 -2.34
C MET A 265 0.49 15.55 -3.78
N VAL A 266 0.24 14.25 -3.98
CA VAL A 266 0.19 13.67 -5.31
C VAL A 266 -0.84 14.41 -6.17
N ASN A 267 -2.01 14.67 -5.60
CA ASN A 267 -3.04 15.41 -6.30
C ASN A 267 -2.57 16.82 -6.64
N ARG A 268 -1.88 17.45 -5.71
CA ARG A 268 -1.40 18.81 -5.93
C ARG A 268 -0.47 18.89 -7.14
N LEU A 269 0.27 17.82 -7.40
CA LEU A 269 1.28 17.80 -8.46
C LEU A 269 0.77 17.29 -9.80
N TRP A 270 -0.10 16.29 -9.75
CA TRP A 270 -0.75 15.77 -10.96
C TRP A 270 -2.23 16.08 -10.92
N PRO A 271 -2.58 17.38 -10.99
CA PRO A 271 -3.99 17.78 -10.92
C PRO A 271 -4.78 17.14 -12.03
N ASP A 272 -6.03 16.78 -11.77
CA ASP A 272 -6.89 16.29 -12.84
C ASP A 272 -7.67 17.46 -13.44
N VAL A 273 -6.93 18.42 -13.99
CA VAL A 273 -7.52 19.61 -14.60
C VAL A 273 -7.59 19.45 -16.12
N SER A 274 -8.08 20.49 -16.80
CA SER A 274 -8.29 20.42 -18.24
C SER A 274 -8.24 21.80 -18.90
N GLY A 275 -8.38 21.81 -20.22
CA GLY A 275 -8.43 23.05 -20.97
C GLY A 275 -7.32 24.02 -20.61
N ALA A 276 -7.68 25.30 -20.49
CA ALA A 276 -6.72 26.35 -20.18
C ALA A 276 -5.84 26.00 -18.99
N GLU A 277 -6.46 25.43 -17.95
CA GLU A 277 -5.74 25.03 -16.75
C GLU A 277 -4.58 24.11 -17.10
N TYR A 278 -4.90 23.00 -17.75
CA TYR A 278 -3.89 22.03 -18.15
C TYR A 278 -2.88 22.67 -19.10
N ILE A 279 -3.32 23.61 -19.92
CA ILE A 279 -2.43 24.31 -20.84
C ILE A 279 -1.45 25.19 -20.09
N LYS A 280 -1.95 25.97 -19.14
CA LYS A 280 -1.10 26.81 -18.30
C LYS A 280 -0.17 25.91 -17.49
N LEU A 281 -0.68 24.76 -17.10
CA LEU A 281 0.09 23.76 -16.38
C LEU A 281 1.24 23.25 -17.25
N LEU A 282 1.05 23.30 -18.57
CA LEU A 282 2.07 22.87 -19.52
C LEU A 282 3.08 23.97 -19.82
N GLN A 283 2.58 25.20 -20.01
CA GLN A 283 3.44 26.34 -20.30
C GLN A 283 4.57 26.47 -19.28
N ARG A 284 4.22 26.35 -18.01
CA ARG A 284 5.23 26.18 -16.97
C ARG A 284 5.64 24.72 -16.98
N GLU A 285 6.90 24.44 -16.65
CA GLU A 285 7.36 23.06 -16.67
C GLU A 285 6.80 22.28 -15.49
N GLU A 286 5.52 22.55 -15.18
CA GLU A 286 4.83 21.90 -14.06
C GLU A 286 4.09 20.65 -14.51
N TYR A 287 4.26 20.28 -15.78
CA TYR A 287 3.68 19.04 -16.28
C TYR A 287 4.47 17.85 -15.78
N LEU A 288 3.75 16.78 -15.45
CA LEU A 288 4.38 15.54 -14.99
C LEU A 288 3.75 14.31 -15.63
N PRO A 289 4.59 13.44 -16.20
CA PRO A 289 4.20 12.20 -16.88
C PRO A 289 3.26 11.36 -16.02
N GLU A 290 2.24 10.77 -16.64
CA GLU A 290 1.29 9.94 -15.92
C GLU A 290 1.94 8.66 -15.42
N ASP A 291 2.95 8.19 -16.14
CA ASP A 291 3.65 6.96 -15.75
C ASP A 291 4.62 7.22 -14.60
N GLN A 292 4.68 8.48 -14.16
CA GLN A 292 5.51 8.85 -13.02
C GLN A 292 4.68 9.06 -11.75
N ARG A 293 3.40 9.37 -11.93
CA ARG A 293 2.52 9.58 -10.79
C ARG A 293 2.41 8.35 -9.92
N PRO A 294 2.52 8.52 -8.60
CA PRO A 294 2.29 7.41 -7.68
C PRO A 294 0.79 7.09 -7.65
N LYS A 295 0.42 5.89 -8.07
CA LYS A 295 -0.98 5.48 -8.11
C LYS A 295 -1.34 4.72 -6.84
N VAL A 296 -1.68 5.44 -5.78
CA VAL A 296 -1.97 4.80 -4.51
C VAL A 296 -3.16 5.41 -3.77
N GLU A 297 -3.86 6.35 -4.41
CA GLU A 297 -4.92 7.10 -3.73
C GLU A 297 -6.33 6.50 -3.90
N GLN A 298 -6.46 5.51 -4.80
CA GLN A 298 -7.76 4.87 -5.04
C GLN A 298 -7.65 3.35 -5.12
N PHE A 299 -7.67 2.70 -3.96
CA PHE A 299 -7.58 1.25 -3.90
C PHE A 299 -8.93 0.61 -3.65
N CYS A 300 -9.09 -0.61 -4.15
CA CYS A 300 -10.25 -1.42 -3.81
C CYS A 300 -9.77 -2.71 -3.16
N LEU A 301 -10.31 -3.02 -1.99
CA LEU A 301 -9.88 -4.21 -1.26
C LEU A 301 -11.03 -5.17 -1.00
N ALA A 302 -10.81 -6.44 -1.32
CA ALA A 302 -11.79 -7.48 -1.07
C ALA A 302 -11.12 -8.66 -0.37
N GLY A 303 -11.75 -9.14 0.70
CA GLY A 303 -11.15 -10.19 1.51
C GLY A 303 -12.11 -11.20 2.11
N MET A 304 -11.66 -12.44 2.19
CA MET A 304 -12.44 -13.53 2.75
C MET A 304 -12.44 -13.49 4.27
N ALA A 305 -13.53 -13.95 4.87
CA ALA A 305 -13.61 -14.05 6.32
C ALA A 305 -12.49 -14.95 6.82
N GLY A 306 -11.79 -14.50 7.85
CA GLY A 306 -10.65 -15.23 8.39
C GLY A 306 -9.34 -14.71 7.84
N SER A 307 -9.42 -13.71 6.96
CA SER A 307 -8.23 -13.05 6.45
C SER A 307 -7.51 -12.31 7.57
N TYR A 308 -6.19 -12.22 7.46
CA TYR A 308 -5.41 -11.46 8.43
C TYR A 308 -4.18 -10.84 7.78
N THR A 309 -4.10 -9.51 7.86
CA THR A 309 -2.92 -8.80 7.41
C THR A 309 -2.12 -8.34 8.63
N ASP A 310 -0.84 -8.67 8.66
CA ASP A 310 -0.03 -8.45 9.85
C ASP A 310 0.42 -7.00 10.00
N PHE A 311 0.95 -6.67 11.17
CA PHE A 311 1.35 -5.32 11.52
C PHE A 311 2.28 -4.66 10.50
N HIS A 312 2.11 -3.34 10.34
CA HIS A 312 2.94 -2.59 9.42
C HIS A 312 2.58 -1.12 9.46
N VAL A 313 3.39 -0.32 8.77
CA VAL A 313 3.12 1.10 8.58
C VAL A 313 3.02 1.39 7.09
N ASP A 314 1.91 1.98 6.66
CA ASP A 314 1.71 2.25 5.24
C ASP A 314 2.89 3.02 4.65
N PHE A 315 3.33 2.58 3.47
CA PHE A 315 4.56 3.09 2.86
C PHE A 315 4.62 4.61 2.70
N GLY A 316 5.79 5.17 2.97
CA GLY A 316 6.01 6.60 2.89
C GLY A 316 5.46 7.32 4.11
N GLY A 317 4.97 6.55 5.07
CA GLY A 317 4.28 7.13 6.22
C GLY A 317 3.04 7.84 5.73
N SER A 318 2.44 7.31 4.67
CA SER A 318 1.24 7.91 4.10
C SER A 318 0.04 7.79 5.03
N SER A 319 -0.88 8.73 4.89
CA SER A 319 -2.14 8.67 5.62
C SER A 319 -3.12 7.84 4.79
N VAL A 320 -4.23 7.46 5.39
CA VAL A 320 -5.16 6.54 4.75
C VAL A 320 -6.62 6.90 5.02
N TYR A 321 -7.44 6.82 3.99
CA TYR A 321 -8.88 6.76 4.19
C TYR A 321 -9.32 5.33 3.86
N TYR A 322 -10.37 4.87 4.51
CA TYR A 322 -10.72 3.46 4.49
C TYR A 322 -12.21 3.30 4.73
N HIS A 323 -12.96 2.98 3.69
CA HIS A 323 -14.40 2.89 3.79
C HIS A 323 -14.92 1.47 3.55
N ILE A 324 -15.58 0.91 4.56
CA ILE A 324 -16.16 -0.43 4.43
C ILE A 324 -17.47 -0.37 3.68
N LEU A 325 -17.49 -0.85 2.44
CA LEU A 325 -18.71 -0.88 1.67
C LEU A 325 -19.56 -2.06 2.13
N LYS A 326 -18.91 -3.20 2.30
CA LYS A 326 -19.56 -4.41 2.79
C LYS A 326 -18.61 -5.19 3.70
N GLY A 327 -19.16 -5.86 4.70
CA GLY A 327 -18.37 -6.70 5.58
C GLY A 327 -17.97 -6.00 6.86
N GLU A 328 -16.79 -6.34 7.36
CA GLU A 328 -16.32 -5.80 8.62
C GLU A 328 -14.82 -5.99 8.78
N LYS A 329 -14.16 -5.02 9.42
CA LYS A 329 -12.72 -5.05 9.62
C LYS A 329 -12.38 -4.73 11.07
N ILE A 330 -11.38 -5.41 11.60
CA ILE A 330 -10.88 -5.11 12.94
C ILE A 330 -9.41 -4.71 12.86
N PHE A 331 -9.13 -3.46 13.21
CA PHE A 331 -7.76 -2.95 13.17
C PHE A 331 -7.12 -3.05 14.56
N TYR A 332 -5.84 -3.41 14.58
CA TYR A 332 -5.07 -3.41 15.81
C TYR A 332 -3.95 -2.40 15.65
N ILE A 333 -4.07 -1.29 16.36
CA ILE A 333 -3.24 -0.12 16.08
C ILE A 333 -2.33 0.28 17.25
N ALA A 334 -1.21 0.91 16.92
CA ALA A 334 -0.31 1.46 17.92
C ALA A 334 0.20 2.83 17.49
N ALA A 335 0.20 3.78 18.42
CA ALA A 335 0.60 5.15 18.10
C ALA A 335 2.01 5.20 17.54
N PRO A 336 2.30 6.20 16.71
CA PRO A 336 3.65 6.37 16.15
C PRO A 336 4.58 7.06 17.15
N THR A 337 4.89 6.40 18.25
CA THR A 337 5.84 6.95 19.21
C THR A 337 7.18 6.29 19.01
N GLU A 338 8.23 6.91 19.54
CA GLU A 338 9.58 6.38 19.39
C GLU A 338 9.71 4.99 19.98
N GLN A 339 9.13 4.77 21.16
CA GLN A 339 9.16 3.46 21.80
C GLN A 339 8.53 2.40 20.89
N ASN A 340 7.37 2.70 20.33
CA ASN A 340 6.66 1.77 19.46
C ASN A 340 7.38 1.53 18.13
N PHE A 341 8.06 2.55 17.62
CA PHE A 341 8.84 2.39 16.40
C PHE A 341 10.06 1.50 16.65
N ALA A 342 10.67 1.65 17.81
CA ALA A 342 11.81 0.83 18.18
C ALA A 342 11.38 -0.63 18.28
N ALA A 343 10.21 -0.86 18.86
CA ALA A 343 9.67 -2.21 18.99
C ALA A 343 9.31 -2.77 17.63
N TYR A 344 8.63 -1.96 16.82
CA TYR A 344 8.23 -2.39 15.49
C TYR A 344 9.45 -2.70 14.61
N GLN A 345 10.42 -1.79 14.59
CA GLN A 345 11.62 -1.98 13.80
C GLN A 345 12.35 -3.27 14.19
N ALA A 346 12.39 -3.58 15.48
CA ALA A 346 13.02 -4.82 15.93
C ALA A 346 12.18 -6.00 15.44
N HIS A 347 10.88 -5.91 15.66
CA HIS A 347 9.94 -6.95 15.25
C HIS A 347 10.14 -7.34 13.79
N GLU A 348 10.35 -6.32 12.96
CA GLU A 348 10.38 -6.50 11.51
C GLU A 348 11.73 -7.04 11.04
N THR A 349 12.79 -6.63 11.72
CA THR A 349 14.14 -7.07 11.37
C THR A 349 14.49 -8.39 12.06
N SER A 350 13.77 -8.70 13.14
CA SER A 350 13.94 -9.96 13.82
C SER A 350 13.51 -11.09 12.89
N PRO A 351 14.30 -12.17 12.84
CA PRO A 351 13.97 -13.31 11.97
C PRO A 351 12.80 -14.09 12.55
N ASP A 352 12.48 -13.83 13.82
CA ASP A 352 11.38 -14.50 14.48
C ASP A 352 10.10 -14.35 13.66
N THR A 353 9.18 -15.28 13.88
CA THR A 353 8.02 -15.41 13.00
C THR A 353 6.82 -15.87 13.81
N THR A 354 7.06 -16.21 15.07
CA THR A 354 6.05 -16.84 15.91
C THR A 354 5.47 -15.88 16.93
N THR A 355 6.11 -14.73 17.11
CA THR A 355 5.71 -13.79 18.14
C THR A 355 4.86 -12.66 17.58
N TRP A 356 3.63 -12.56 18.06
CA TRP A 356 2.73 -11.50 17.64
C TRP A 356 3.23 -10.17 18.20
N PHE A 357 3.26 -9.14 17.35
CA PHE A 357 3.78 -7.83 17.75
C PHE A 357 3.10 -7.29 19.01
N GLY A 358 1.79 -7.50 19.11
CA GLY A 358 1.03 -7.02 20.25
C GLY A 358 1.60 -7.49 21.58
N ASP A 359 2.03 -8.74 21.63
CA ASP A 359 2.51 -9.34 22.87
C ASP A 359 3.80 -8.70 23.39
N ILE A 360 4.54 -8.06 22.51
CA ILE A 360 5.83 -7.46 22.89
C ILE A 360 5.82 -5.94 22.77
N ALA A 361 4.63 -5.34 22.77
CA ALA A 361 4.52 -3.91 22.55
C ALA A 361 4.11 -3.15 23.81
N ASN A 362 4.01 -3.85 24.93
CA ASN A 362 3.77 -3.22 26.22
C ASN A 362 2.43 -2.50 26.28
N GLY A 363 1.38 -3.18 25.82
CA GLY A 363 0.03 -2.64 25.87
C GLY A 363 -0.18 -1.44 24.96
N ALA A 364 0.65 -1.33 23.92
CA ALA A 364 0.52 -0.24 22.98
C ALA A 364 -0.59 -0.50 21.96
N VAL A 365 -0.80 -1.77 21.64
CA VAL A 365 -1.76 -2.16 20.61
C VAL A 365 -3.21 -2.11 21.09
N LYS A 366 -4.04 -1.39 20.35
CA LYS A 366 -5.45 -1.24 20.71
C LYS A 366 -6.37 -1.81 19.64
N ARG A 367 -7.58 -2.18 20.05
CA ARG A 367 -8.54 -2.82 19.15
C ARG A 367 -9.65 -1.84 18.77
N VAL A 368 -9.87 -1.71 17.47
CA VAL A 368 -10.92 -0.83 16.97
C VAL A 368 -11.62 -1.48 15.78
N VAL A 369 -12.92 -1.70 15.95
CA VAL A 369 -13.74 -2.40 14.96
C VAL A 369 -14.37 -1.40 14.00
N ILE A 370 -14.42 -1.77 12.71
CA ILE A 370 -15.16 -0.98 11.73
C ILE A 370 -16.18 -1.85 11.03
N LYS A 371 -17.41 -1.37 10.93
CA LYS A 371 -18.50 -2.15 10.37
C LYS A 371 -19.00 -1.55 9.05
N GLU A 372 -19.86 -2.30 8.38
CA GLU A 372 -20.42 -1.87 7.10
C GLU A 372 -20.82 -0.41 7.16
N GLY A 373 -20.37 0.37 6.18
CA GLY A 373 -20.77 1.77 6.05
C GLY A 373 -19.86 2.75 6.75
N GLN A 374 -19.11 2.27 7.73
CA GLN A 374 -18.23 3.15 8.50
C GLN A 374 -16.90 3.41 7.81
N THR A 375 -16.24 4.48 8.22
CA THR A 375 -15.01 4.92 7.59
C THR A 375 -13.92 5.21 8.62
N LEU A 376 -12.71 4.77 8.33
CA LEU A 376 -11.58 4.98 9.21
C LEU A 376 -10.56 5.92 8.56
N LEU A 377 -10.10 6.91 9.31
CA LEU A 377 -9.14 7.89 8.81
C LEU A 377 -7.84 7.84 9.63
N ILE A 378 -6.76 7.35 9.02
CA ILE A 378 -5.50 7.18 9.74
C ILE A 378 -4.41 8.15 9.25
N PRO A 379 -3.85 8.94 10.18
CA PRO A 379 -2.75 9.84 9.81
C PRO A 379 -1.41 9.10 9.76
N ALA A 380 -0.33 9.84 9.55
CA ALA A 380 0.98 9.23 9.35
C ALA A 380 1.48 8.45 10.55
N GLY A 381 2.18 7.35 10.27
CA GLY A 381 2.96 6.66 11.29
C GLY A 381 2.31 5.48 11.96
N TRP A 382 0.99 5.48 12.05
CA TRP A 382 0.29 4.42 12.80
C TRP A 382 0.62 2.99 12.35
N ILE A 383 1.12 2.20 13.29
CA ILE A 383 1.37 0.79 13.05
C ILE A 383 0.05 0.07 13.23
N HIS A 384 -0.26 -0.84 12.31
CA HIS A 384 -1.55 -1.51 12.38
C HIS A 384 -1.57 -2.88 11.72
N ALA A 385 -2.37 -3.77 12.31
CA ALA A 385 -2.70 -5.04 11.69
C ALA A 385 -4.20 -5.05 11.51
N VAL A 386 -4.72 -5.97 10.70
CA VAL A 386 -6.15 -6.00 10.45
C VAL A 386 -6.69 -7.40 10.19
N LEU A 387 -7.78 -7.70 10.88
CA LEU A 387 -8.44 -9.00 10.77
C LEU A 387 -9.75 -8.83 10.00
N THR A 388 -10.05 -9.77 9.12
CA THR A 388 -11.30 -9.70 8.36
C THR A 388 -12.24 -10.82 8.82
N PRO A 389 -13.15 -10.48 9.74
CA PRO A 389 -14.00 -11.49 10.39
C PRO A 389 -15.05 -12.03 9.44
N VAL A 390 -15.29 -11.28 8.37
CA VAL A 390 -16.39 -11.55 7.45
C VAL A 390 -16.00 -11.10 6.05
N ASP A 391 -16.46 -11.83 5.03
CA ASP A 391 -16.25 -11.41 3.65
C ASP A 391 -16.52 -9.91 3.50
N SER A 392 -15.55 -9.17 2.95
CA SER A 392 -15.63 -7.72 2.92
C SER A 392 -15.22 -7.10 1.60
N LEU A 393 -15.82 -5.95 1.29
CA LEU A 393 -15.42 -5.14 0.16
C LEU A 393 -15.18 -3.72 0.64
N VAL A 394 -13.96 -3.22 0.42
CA VAL A 394 -13.58 -1.93 0.95
C VAL A 394 -13.00 -1.02 -0.13
N PHE A 395 -13.24 0.28 0.01
CA PHE A 395 -12.55 1.26 -0.81
C PHE A 395 -11.78 2.19 0.10
N GLY A 396 -10.50 2.40 -0.21
CA GLY A 396 -9.67 3.30 0.54
C GLY A 396 -8.57 3.88 -0.31
N GLY A 397 -7.60 4.53 0.31
CA GLY A 397 -6.48 5.10 -0.42
C GLY A 397 -5.41 5.71 0.46
N ASN A 398 -4.19 5.75 -0.07
CA ASN A 398 -3.06 6.33 0.63
C ASN A 398 -2.67 7.68 0.05
N PHE A 399 -2.29 8.60 0.92
CA PHE A 399 -1.85 9.91 0.45
C PHE A 399 -0.80 10.52 1.38
N LEU A 400 -0.08 11.49 0.86
CA LEU A 400 0.88 12.25 1.64
C LEU A 400 0.41 13.70 1.72
N HIS A 401 0.72 14.36 2.83
CA HIS A 401 0.29 15.74 3.01
C HIS A 401 1.25 16.50 3.92
N LEU A 402 1.41 17.79 3.64
CA LEU A 402 2.33 18.65 4.38
C LEU A 402 2.14 18.58 5.90
N GLY A 403 0.90 18.48 6.36
CA GLY A 403 0.61 18.43 7.78
C GLY A 403 1.34 17.33 8.52
N ASN A 404 1.68 16.26 7.80
CA ASN A 404 2.40 15.13 8.39
C ASN A 404 3.80 14.92 7.80
N LEU A 405 4.42 16.01 7.35
CA LEU A 405 5.71 15.91 6.67
C LEU A 405 6.80 15.29 7.55
N GLU A 406 6.91 15.73 8.80
CA GLU A 406 7.92 15.17 9.70
C GLU A 406 7.71 13.68 9.86
N MET A 407 6.50 13.30 10.26
CA MET A 407 6.19 11.91 10.54
C MET A 407 6.40 11.04 9.30
N GLN A 408 6.12 11.62 8.13
CA GLN A 408 6.32 10.89 6.88
C GLN A 408 7.81 10.58 6.70
N MET A 409 8.63 11.61 6.89
CA MET A 409 10.08 11.44 6.78
C MET A 409 10.61 10.48 7.83
N ARG A 410 10.08 10.56 9.05
CA ARG A 410 10.46 9.64 10.11
C ARG A 410 10.21 8.19 9.67
N VAL A 411 9.01 7.95 9.14
CA VAL A 411 8.66 6.63 8.62
C VAL A 411 9.56 6.21 7.46
N TYR A 412 9.88 7.15 6.58
CA TYR A 412 10.82 6.88 5.48
C TYR A 412 12.13 6.34 6.05
N HIS A 413 12.66 7.04 7.06
CA HIS A 413 13.88 6.61 7.74
C HIS A 413 13.70 5.20 8.28
N LEU A 414 12.50 4.94 8.79
CA LEU A 414 12.20 3.65 9.37
C LEU A 414 12.32 2.57 8.30
N GLU A 415 11.75 2.84 7.14
CA GLU A 415 11.79 1.89 6.01
C GLU A 415 13.23 1.62 5.55
N ASN A 416 14.03 2.68 5.44
CA ASN A 416 15.41 2.56 5.01
C ASN A 416 16.25 1.77 6.00
N ALA A 417 16.02 2.04 7.28
CA ALA A 417 16.69 1.31 8.35
C ALA A 417 16.42 -0.19 8.25
N ILE A 418 15.15 -0.55 8.09
CA ILE A 418 14.74 -1.94 7.94
C ILE A 418 15.35 -2.58 6.70
N ARG A 419 15.33 -1.86 5.58
CA ARG A 419 15.85 -2.36 4.32
C ARG A 419 17.32 -2.76 4.41
N LYS A 420 18.07 -2.07 5.27
CA LYS A 420 19.50 -2.37 5.43
C LYS A 420 19.72 -3.82 5.86
N GLU A 421 18.77 -4.38 6.61
CA GLU A 421 18.85 -5.77 7.02
C GLU A 421 18.21 -6.69 6.00
N ILE A 422 16.89 -6.81 6.05
CA ILE A 422 16.15 -7.65 5.12
C ILE A 422 16.21 -7.11 3.70
N ARG A 423 15.96 -7.96 2.72
CA ARG A 423 15.86 -7.52 1.33
C ARG A 423 14.42 -7.65 0.83
N SER A 424 13.84 -6.52 0.44
CA SER A 424 12.46 -6.51 -0.01
C SER A 424 12.34 -6.02 -1.45
N GLU A 425 11.14 -6.14 -2.03
CA GLU A 425 10.87 -5.57 -3.33
C GLU A 425 10.54 -4.08 -3.20
N GLU A 426 10.59 -3.37 -4.32
CA GLU A 426 10.35 -1.93 -4.31
C GLU A 426 8.87 -1.58 -4.45
N LYS A 427 8.08 -2.53 -4.95
CA LYS A 427 6.66 -2.31 -5.16
C LYS A 427 5.88 -2.34 -3.85
N PHE A 428 6.61 -2.41 -2.74
CA PHE A 428 5.98 -2.40 -1.42
C PHE A 428 6.30 -1.11 -0.68
N TYR A 429 7.01 -0.21 -1.34
CA TYR A 429 7.32 1.10 -0.78
C TYR A 429 6.77 2.22 -1.65
N PHE A 430 6.71 3.43 -1.10
CA PHE A 430 6.09 4.54 -1.82
C PHE A 430 6.82 4.83 -3.13
N PRO A 431 6.09 4.75 -4.26
CA PRO A 431 6.65 4.95 -5.60
C PRO A 431 7.14 6.37 -5.83
N ASN A 432 8.38 6.51 -6.30
CA ASN A 432 8.96 7.82 -6.56
C ASN A 432 8.82 8.77 -5.37
N PHE A 433 9.07 8.23 -4.19
CA PHE A 433 8.95 9.02 -2.97
C PHE A 433 9.85 10.24 -3.04
N GLU A 434 11.12 10.05 -3.37
CA GLU A 434 12.04 11.17 -3.44
C GLU A 434 11.75 12.12 -4.58
N LEU A 435 11.39 11.58 -5.74
CA LEU A 435 11.09 12.42 -6.89
C LEU A 435 9.92 13.35 -6.56
N LEU A 436 8.88 12.77 -5.98
CA LEU A 436 7.69 13.52 -5.59
C LEU A 436 8.06 14.77 -4.80
N HIS A 437 9.02 14.64 -3.90
CA HIS A 437 9.44 15.78 -3.08
C HIS A 437 10.24 16.80 -3.88
N TRP A 438 11.10 16.33 -4.77
CA TRP A 438 11.82 17.24 -5.67
C TRP A 438 10.83 18.07 -6.47
N MET A 439 9.80 17.41 -6.99
CA MET A 439 8.77 18.11 -7.77
C MET A 439 7.96 19.07 -6.92
N TYR A 440 7.57 18.62 -5.72
CA TYR A 440 6.78 19.46 -4.84
C TYR A 440 7.54 20.72 -4.46
N MET A 441 8.81 20.54 -4.10
CA MET A 441 9.67 21.64 -3.71
C MET A 441 9.77 22.67 -4.83
N ARG A 442 10.08 22.18 -6.04
CA ARG A 442 10.29 23.07 -7.17
C ARG A 442 9.01 23.69 -7.69
N ASN A 443 7.98 22.87 -7.87
CA ASN A 443 6.73 23.33 -8.48
C ASN A 443 5.82 24.09 -7.52
N VAL A 444 5.92 23.81 -6.23
CA VAL A 444 4.96 24.34 -5.27
C VAL A 444 5.60 25.25 -4.23
N LEU A 445 6.32 24.66 -3.29
CA LEU A 445 6.91 25.40 -2.18
C LEU A 445 7.85 26.51 -2.62
N LEU A 446 8.70 26.22 -3.59
CA LEU A 446 9.69 27.17 -4.05
C LEU A 446 9.03 28.38 -4.70
N GLU A 447 8.04 28.13 -5.54
CA GLU A 447 7.33 29.22 -6.21
C GLU A 447 6.63 30.15 -5.21
N LYS A 448 6.14 29.58 -4.12
CA LYS A 448 5.43 30.37 -3.10
C LYS A 448 6.37 31.21 -2.25
N ILE A 449 7.51 30.66 -1.87
CA ILE A 449 8.50 31.42 -1.12
C ILE A 449 9.02 32.56 -1.97
N THR A 450 9.14 32.31 -3.27
CA THR A 450 9.58 33.33 -4.21
C THR A 450 8.58 34.47 -4.28
N GLU A 451 7.34 34.15 -4.60
CA GLU A 451 6.28 35.15 -4.67
C GLU A 451 6.18 35.90 -3.35
N ALA A 452 6.23 35.17 -2.24
CA ALA A 452 6.26 35.81 -0.94
C ALA A 452 7.39 36.82 -0.91
N ASN A 453 8.61 36.34 -1.14
CA ASN A 453 9.80 37.18 -1.13
C ASN A 453 9.67 38.45 -1.99
N GLN A 454 8.97 38.34 -3.11
CA GLN A 454 8.89 39.46 -4.04
C GLN A 454 8.08 40.65 -3.51
N GLU A 455 7.09 40.38 -2.67
CA GLU A 455 6.43 41.46 -1.94
C GLU A 455 6.94 41.53 -0.50
N GLY A 456 6.09 41.98 0.40
CA GLY A 456 6.44 42.15 1.80
C GLY A 456 7.72 41.45 2.22
N SER A 457 7.59 40.22 2.71
CA SER A 457 6.30 39.58 2.94
C SER A 457 6.52 38.41 3.87
N ASP A 458 6.13 38.56 5.13
CA ASP A 458 6.34 37.51 6.11
C ASP A 458 5.34 36.37 5.92
N MET A 459 5.87 35.19 5.62
CA MET A 459 5.02 34.02 5.39
C MET A 459 4.32 33.57 6.67
N ARG A 460 4.91 33.89 7.82
CA ARG A 460 4.32 33.51 9.09
C ARG A 460 2.94 34.15 9.28
N GLU A 461 2.69 35.22 8.54
CA GLU A 461 1.44 35.97 8.69
C GLU A 461 0.24 35.24 8.09
N GLN A 462 0.40 34.69 6.90
CA GLN A 462 -0.71 34.02 6.23
C GLN A 462 -0.30 32.67 5.60
N GLU A 463 0.92 32.22 5.91
CA GLU A 463 1.45 30.99 5.34
C GLU A 463 2.45 30.29 6.25
N LYS A 464 2.29 30.47 7.56
CA LYS A 464 3.20 29.87 8.55
C LYS A 464 3.38 28.36 8.34
N ASN A 465 2.33 27.72 7.86
CA ASN A 465 2.34 26.28 7.64
C ASN A 465 3.19 25.87 6.43
N ILE A 466 3.12 26.67 5.37
CA ILE A 466 3.93 26.45 4.18
C ILE A 466 5.41 26.61 4.49
N TRP A 467 5.75 27.67 5.20
CA TRP A 467 7.14 27.99 5.50
C TRP A 467 7.83 26.88 6.29
N THR A 468 7.19 26.43 7.36
CA THR A 468 7.75 25.40 8.23
C THR A 468 7.90 24.06 7.51
N ALA A 469 6.98 23.77 6.59
CA ALA A 469 7.08 22.56 5.77
C ALA A 469 8.27 22.65 4.82
N SER A 470 8.54 23.86 4.33
CA SER A 470 9.66 24.09 3.43
C SER A 470 10.97 23.77 4.12
N GLN A 471 11.15 24.30 5.33
CA GLN A 471 12.39 24.07 6.07
C GLN A 471 12.57 22.60 6.37
N ILE A 472 11.48 21.93 6.70
CA ILE A 472 11.51 20.52 7.04
C ILE A 472 11.84 19.68 5.82
N MET A 473 11.16 19.96 4.72
CA MET A 473 11.44 19.22 3.49
C MET A 473 12.86 19.51 2.99
N LYS A 474 13.31 20.75 3.13
CA LYS A 474 14.65 21.13 2.70
C LYS A 474 15.72 20.36 3.47
N ALA A 475 15.57 20.33 4.79
CA ALA A 475 16.50 19.61 5.66
C ALA A 475 16.68 18.18 5.18
N GLU A 476 15.56 17.51 4.92
CA GLU A 476 15.59 16.12 4.49
C GLU A 476 16.23 15.98 3.12
N MET A 477 15.94 16.94 2.25
CA MET A 477 16.51 16.91 0.90
C MET A 477 18.01 17.16 0.91
N GLU A 478 18.46 18.06 1.77
CA GLU A 478 19.90 18.31 1.90
C GLU A 478 20.62 16.99 2.14
N ARG A 479 20.06 16.16 3.02
CA ARG A 479 20.67 14.87 3.33
C ARG A 479 20.69 13.98 2.09
N TRP A 480 19.59 13.96 1.36
CA TRP A 480 19.50 13.18 0.12
C TRP A 480 20.63 13.58 -0.82
N MET A 481 20.79 14.88 -1.03
CA MET A 481 21.85 15.41 -1.89
C MET A 481 23.21 14.91 -1.43
N ASP A 482 23.56 15.24 -0.20
CA ASP A 482 24.82 14.80 0.39
C ASP A 482 25.05 13.32 0.13
N ARG A 483 24.09 12.49 0.53
CA ARG A 483 24.16 11.05 0.30
C ARG A 483 24.45 10.72 -1.16
N GLU A 484 23.81 11.44 -2.06
CA GLU A 484 23.98 11.20 -3.49
C GLU A 484 25.39 11.55 -3.95
N LEU A 485 25.99 12.54 -3.30
CA LEU A 485 27.35 12.95 -3.65
C LEU A 485 28.39 12.03 -3.00
N ARG A 486 27.97 11.28 -1.99
CA ARG A 486 28.87 10.38 -1.27
C ARG A 486 28.86 8.98 -1.85
N LEU A 487 28.22 8.80 -3.00
CA LEU A 487 28.16 7.47 -3.63
C LEU A 487 27.32 7.47 -4.89
N GLY A 488 27.26 8.62 -5.56
CA GLY A 488 26.56 8.74 -6.83
C GLY A 488 25.07 8.49 -6.71
N PRO A 489 24.34 8.70 -7.81
CA PRO A 489 22.89 8.50 -7.86
C PRO A 489 22.55 7.05 -7.62
N GLU A 490 21.32 6.67 -7.96
CA GLU A 490 20.90 5.28 -7.91
C GLU A 490 21.08 4.69 -9.29
N LYS A 491 20.23 3.73 -9.64
CA LYS A 491 20.28 3.10 -10.96
C LYS A 491 19.60 3.99 -11.98
N ASN A 492 18.53 3.45 -12.54
CA ASN A 492 17.60 4.16 -13.43
C ASN A 492 17.39 5.64 -13.14
N ALA A 493 17.38 6.45 -14.20
CA ALA A 493 16.77 7.78 -14.19
C ALA A 493 16.97 8.53 -12.84
N ILE A 494 16.16 9.54 -12.52
CA ILE A 494 15.21 10.24 -13.38
C ILE A 494 15.60 11.70 -13.43
N LEU A 495 16.01 12.21 -12.27
CA LEU A 495 16.41 13.60 -12.12
C LEU A 495 17.92 13.67 -12.02
N PRO A 496 18.56 14.27 -13.04
CA PRO A 496 20.02 14.39 -13.03
C PRO A 496 20.51 15.06 -11.76
N THR A 497 21.65 14.60 -11.25
CA THR A 497 22.24 15.21 -10.06
C THR A 497 22.41 16.70 -10.29
N ASP A 498 22.70 17.06 -11.53
CA ASP A 498 22.86 18.44 -11.93
C ASP A 498 21.58 19.23 -11.63
N ASP A 499 20.46 18.73 -12.11
CA ASP A 499 19.16 19.39 -11.91
C ASP A 499 18.83 19.58 -10.43
N LYS A 500 19.04 18.52 -9.64
CA LYS A 500 18.78 18.60 -8.22
C LYS A 500 19.60 19.72 -7.62
N ASN A 501 20.91 19.68 -7.82
CA ASN A 501 21.77 20.70 -7.27
C ASN A 501 21.29 22.10 -7.64
N LYS A 502 20.88 22.28 -8.89
CA LYS A 502 20.36 23.57 -9.34
C LYS A 502 19.12 23.98 -8.52
N ILE A 503 18.22 23.02 -8.30
CA ILE A 503 17.04 23.24 -7.49
C ILE A 503 17.38 23.61 -6.04
N MET A 504 18.30 22.86 -5.43
CA MET A 504 18.73 23.14 -4.07
C MET A 504 19.38 24.51 -3.93
N ILE A 505 20.11 24.94 -4.96
CA ILE A 505 20.73 26.25 -4.93
C ILE A 505 19.64 27.32 -4.89
N SER A 506 18.61 27.09 -5.68
CA SER A 506 17.49 28.02 -5.77
C SER A 506 16.70 28.10 -4.46
N VAL A 507 16.41 26.93 -3.87
CA VAL A 507 15.68 26.89 -2.61
C VAL A 507 16.44 27.59 -1.49
N ARG A 508 17.74 27.31 -1.36
CA ARG A 508 18.55 27.94 -0.32
C ARG A 508 18.49 29.46 -0.45
N LYS A 509 18.60 29.95 -1.68
CA LYS A 509 18.58 31.38 -1.93
C LYS A 509 17.30 32.01 -1.39
N GLN A 510 16.15 31.50 -1.85
CA GLN A 510 14.86 32.06 -1.47
C GLN A 510 14.57 31.90 0.02
N ILE A 511 15.02 30.78 0.59
CA ILE A 511 14.79 30.55 2.00
C ILE A 511 15.57 31.54 2.85
N GLU A 512 16.85 31.72 2.52
CA GLU A 512 17.70 32.66 3.25
C GLU A 512 17.19 34.10 3.09
N ILE A 513 16.67 34.41 1.91
CA ILE A 513 16.07 35.71 1.68
C ILE A 513 14.91 35.92 2.66
N GLN A 514 13.99 34.97 2.68
CA GLN A 514 12.83 35.04 3.56
C GLN A 514 13.22 35.21 5.03
N THR A 515 14.24 34.49 5.47
CA THR A 515 14.68 34.56 6.86
C THR A 515 15.25 35.94 7.18
N LYS A 516 15.87 36.56 6.17
CA LYS A 516 16.39 37.92 6.32
C LYS A 516 15.25 38.94 6.45
N ILE A 517 14.15 38.66 5.75
CA ILE A 517 12.96 39.50 5.85
C ILE A 517 12.36 39.39 7.25
N GLN A 518 12.25 38.17 7.74
CA GLN A 518 11.69 37.92 9.06
C GLN A 518 12.54 38.55 10.16
N ASN A 519 13.86 38.38 10.08
CA ASN A 519 14.77 38.97 11.05
C ASN A 519 14.65 40.48 11.09
N ALA A 520 14.26 41.06 9.96
CA ALA A 520 14.04 42.50 9.88
C ALA A 520 12.84 42.92 10.73
N LYS A 521 11.80 42.08 10.71
CA LYS A 521 10.59 42.35 11.46
C LYS A 521 10.63 41.68 12.83
N ALA B 1 5.77 -29.82 -7.14
CA ALA B 1 5.81 -29.67 -8.59
C ALA B 1 7.24 -29.52 -9.09
N ARG B 2 7.55 -30.14 -10.21
CA ARG B 2 8.89 -30.06 -10.77
C ARG B 2 9.02 -28.86 -11.71
N THR B 3 9.86 -27.91 -11.31
CA THR B 3 10.02 -26.68 -12.07
C THR B 3 11.45 -26.47 -12.56
N M3L B 4 11.73 -25.28 -13.06
CA M3L B 4 13.06 -24.94 -13.55
CB M3L B 4 13.51 -25.85 -14.70
CG M3L B 4 12.83 -25.65 -16.07
CD M3L B 4 13.10 -26.71 -17.17
CE M3L B 4 13.06 -26.26 -18.64
NZ M3L B 4 14.01 -26.87 -19.59
C M3L B 4 13.13 -23.46 -13.98
O M3L B 4 12.15 -22.84 -14.17
CM1 M3L B 4 15.37 -26.44 -19.36
CM2 M3L B 4 13.75 -26.31 -20.90
CM3 M3L B 4 14.07 -28.29 -19.27
N GLN B 5 14.36 -22.95 -14.09
CA GLN B 5 14.56 -21.59 -14.57
C GLN B 5 15.85 -21.46 -15.39
N THR B 6 15.77 -20.73 -16.49
CA THR B 6 16.90 -20.58 -17.39
C THR B 6 17.19 -19.11 -17.69
FE FE2 C . -2.03 -0.75 6.01
ZN ZN D . 5.60 -21.10 -23.28
ZN ZN E . 0.52 -33.77 -20.37
C1 OGA F . -4.74 -0.16 5.00
C2 OGA F . -4.56 -1.64 5.45
C4 OGA F . -5.23 -4.10 5.22
C5 OGA F . -6.34 -5.09 4.83
O1 OGA F . -4.57 0.02 3.60
O2 OGA F . -4.05 0.77 5.80
O2' OGA F . -3.75 -1.94 6.28
O3 OGA F . -6.22 -6.37 5.41
N1 OGA F . -5.39 -2.69 4.88
O4 OGA F . -7.62 -4.56 4.93
#